data_1N1S
#
_entry.id   1N1S
#
_cell.length_a   76.020
_cell.length_b   93.970
_cell.length_c   105.450
_cell.angle_alpha   90.00
_cell.angle_beta   90.00
_cell.angle_gamma   90.00
#
_symmetry.space_group_name_H-M   'P 21 21 21'
#
loop_
_entity.id
_entity.type
_entity.pdbx_description
1 polymer Sialidase
2 non-polymer 'SULFATE ION'
3 water water
#
_entity_poly.entity_id   1
_entity_poly.type   'polypeptide(L)'
_entity_poly.pdbx_seq_one_letter_code
;AASLAPGSSRVELFKRKNSTVPFEESNGTIRERVVHSFRIPTIVNVDGVMVAIADARYETSFDNSFIETAVKYSVDDGAT
WNTQIAIKNSRASSVSRVMDATVIVKGNKLYILVGSFNKTRNSWTQHRDGSDWEPLLVVGEVTKSAANGKTTATISWGKP
VSLKPLFPAEFDGILTKEFVGGVGAAIVASNGNLVYPVQIADMGGRVFTKIMYSEDDGNTWKFAEGRSKFGCSEPAVLEW
EGKLIINNRVDGNRRLVYESSDMGKTWVEALGTLSHVWTNSPTSNQQDCQSSFVAVTIEGKRVMLFTHPLNLKGRWMRDR
LHLWMTDNQRIFDVGQISIGDENSGYSSVLYKDDKLYSLHEINTNDVYSLVFVRLIGELQLMKSVVRTWKEEDNHLASIC
TPVVPATPPSKGGCGAAVPTAGLVGFLSHSANGSVWEDVYRCVDANVANAERVPNGLKFNGVGGGAVWPVARQGQTRRYQ
FANYRFTLVATVTIDELPKGTSPLLGAGLEGPGDAKLLGLSYDKNRQWRPLYGAAPASPTGSWELHKKYHVVLTMADRQG
SVYVDGQPLAGSGNTVVRGATLPDISHFYIGGPRSKGAPTDSRVTVTNVVLYNRRLNSSEIRTLFLSQDMIGTDGGAGTA
A
;
_entity_poly.pdbx_strand_id   A
#
loop_
_chem_comp.id
_chem_comp.type
_chem_comp.name
_chem_comp.formula
SO4 non-polymer 'SULFATE ION' 'O4 S -2'
#
# COMPACT_ATOMS: atom_id res chain seq x y z
N ALA A 1 7.60 -7.54 -13.55
CA ALA A 1 7.11 -8.48 -14.62
C ALA A 1 5.59 -8.66 -14.58
N ALA A 2 5.02 -8.99 -15.74
CA ALA A 2 3.57 -9.15 -15.88
C ALA A 2 3.00 -10.51 -15.46
N SER A 3 3.85 -11.36 -14.90
CA SER A 3 3.45 -12.69 -14.40
C SER A 3 4.59 -13.19 -13.51
N LEU A 4 4.33 -14.23 -12.70
CA LEU A 4 5.37 -14.79 -11.83
C LEU A 4 6.72 -14.72 -12.55
N ALA A 5 7.69 -14.07 -11.91
CA ALA A 5 8.97 -13.75 -12.54
C ALA A 5 9.83 -14.94 -12.98
N PRO A 6 10.68 -14.70 -13.97
CA PRO A 6 11.65 -15.71 -14.38
C PRO A 6 12.50 -16.07 -13.17
N GLY A 7 12.73 -17.36 -12.98
CA GLY A 7 13.52 -17.84 -11.85
C GLY A 7 12.64 -18.22 -10.67
N SER A 8 11.44 -17.67 -10.62
CA SER A 8 10.52 -17.98 -9.52
C SER A 8 9.75 -19.24 -9.85
N SER A 9 9.15 -19.85 -8.84
CA SER A 9 8.41 -21.09 -9.03
C SER A 9 7.45 -21.30 -7.90
N ARG A 10 6.56 -22.28 -8.04
CA ARG A 10 5.59 -22.56 -7.00
C ARG A 10 5.14 -24.01 -7.00
N VAL A 11 4.58 -24.43 -5.89
CA VAL A 11 3.96 -25.74 -5.78
C VAL A 11 2.54 -25.56 -5.24
N GLU A 12 1.67 -26.51 -5.54
CA GLU A 12 0.31 -26.49 -5.02
C GLU A 12 0.38 -27.13 -3.65
N LEU A 13 0.70 -26.35 -2.62
CA LEU A 13 0.92 -26.88 -1.29
C LEU A 13 -0.34 -27.48 -0.65
N PHE A 14 -1.44 -26.73 -0.68
CA PHE A 14 -2.71 -27.23 -0.20
C PHE A 14 -3.54 -27.46 -1.44
N LYS A 15 -3.62 -28.72 -1.88
CA LYS A 15 -4.26 -29.04 -3.16
C LYS A 15 -5.72 -29.41 -3.03
N ARG A 16 -6.59 -28.64 -3.67
CA ARG A 16 -8.03 -28.87 -3.64
C ARG A 16 -8.39 -30.30 -4.08
N LYS A 17 -9.39 -30.88 -3.42
CA LYS A 17 -9.88 -32.24 -3.73
C LYS A 17 -8.74 -33.26 -3.86
N ASN A 18 -7.73 -33.13 -3.00
CA ASN A 18 -6.58 -34.02 -3.08
C ASN A 18 -5.85 -34.11 -1.75
N SER A 19 -5.35 -32.98 -1.26
CA SER A 19 -4.67 -32.96 0.03
C SER A 19 -5.63 -33.37 1.15
N THR A 20 -5.14 -34.21 2.06
CA THR A 20 -5.95 -34.64 3.19
C THR A 20 -5.49 -33.96 4.46
N VAL A 21 -6.38 -33.92 5.45
CA VAL A 21 -6.06 -33.43 6.77
C VAL A 21 -6.50 -34.49 7.77
N PRO A 22 -5.83 -34.56 8.91
CA PRO A 22 -6.18 -35.52 9.97
C PRO A 22 -7.44 -35.10 10.72
N PHE A 23 -8.59 -35.49 10.19
CA PHE A 23 -9.88 -35.16 10.79
C PHE A 23 -10.15 -36.05 12.00
N GLU A 24 -10.52 -35.43 13.12
CA GLU A 24 -10.83 -36.19 14.33
C GLU A 24 -12.32 -36.40 14.48
N GLU A 25 -12.75 -37.65 14.47
CA GLU A 25 -14.16 -37.97 14.65
C GLU A 25 -14.57 -37.67 16.09
N SER A 26 -15.87 -37.60 16.32
CA SER A 26 -16.40 -37.32 17.65
C SER A 26 -15.89 -38.34 18.66
N ASN A 27 -15.65 -39.56 18.19
CA ASN A 27 -15.19 -40.65 19.05
C ASN A 27 -13.69 -40.75 19.16
N GLY A 28 -12.99 -39.66 18.87
CA GLY A 28 -11.55 -39.62 19.02
C GLY A 28 -10.71 -40.23 17.91
N THR A 29 -11.33 -41.01 17.03
CA THR A 29 -10.58 -41.63 15.95
C THR A 29 -10.19 -40.59 14.90
N ILE A 30 -9.02 -40.81 14.27
CA ILE A 30 -8.52 -39.88 13.27
C ILE A 30 -8.50 -40.52 11.89
N ARG A 31 -9.05 -39.81 10.91
CA ARG A 31 -9.06 -40.29 9.54
C ARG A 31 -8.53 -39.21 8.60
N GLU A 32 -7.79 -39.62 7.58
CA GLU A 32 -7.27 -38.69 6.59
C GLU A 32 -8.42 -38.36 5.65
N ARG A 33 -8.86 -37.11 5.70
CA ARG A 33 -10.03 -36.66 4.96
C ARG A 33 -9.67 -35.68 3.86
N VAL A 34 -10.18 -35.94 2.65
CA VAL A 34 -9.92 -35.07 1.53
C VAL A 34 -10.70 -33.77 1.73
N VAL A 35 -10.12 -32.66 1.29
CA VAL A 35 -10.73 -31.35 1.48
C VAL A 35 -11.06 -30.71 0.14
N HIS A 36 -12.28 -30.21 0.00
CA HIS A 36 -12.73 -29.57 -1.24
C HIS A 36 -11.88 -28.35 -1.58
N SER A 37 -11.82 -27.40 -0.67
CA SER A 37 -11.11 -26.15 -0.93
C SER A 37 -10.29 -25.70 0.27
N PHE A 38 -9.13 -25.10 0.00
CA PHE A 38 -8.32 -24.49 1.04
C PHE A 38 -8.32 -22.99 0.77
N ARG A 39 -8.73 -22.20 1.76
CA ARG A 39 -8.81 -20.75 1.57
C ARG A 39 -8.20 -20.00 2.74
N ILE A 40 -8.07 -18.68 2.57
CA ILE A 40 -7.63 -17.76 3.63
C ILE A 40 -6.26 -18.10 4.22
N PRO A 41 -5.23 -18.01 3.37
CA PRO A 41 -3.88 -18.41 3.78
C PRO A 41 -3.08 -17.40 4.58
N THR A 42 -2.28 -17.90 5.51
CA THR A 42 -1.26 -17.10 6.18
C THR A 42 -0.01 -17.97 6.34
N ILE A 43 1.16 -17.43 5.99
CA ILE A 43 2.39 -18.17 6.21
C ILE A 43 3.34 -17.34 7.05
N VAL A 44 3.80 -17.91 8.16
CA VAL A 44 4.69 -17.19 9.05
C VAL A 44 5.94 -18.01 9.39
N ASN A 45 6.87 -17.37 10.07
CA ASN A 45 8.11 -17.99 10.49
C ASN A 45 8.14 -18.00 12.01
N VAL A 46 8.16 -19.20 12.59
CA VAL A 46 8.24 -19.31 14.05
C VAL A 46 9.56 -20.01 14.38
N ASP A 47 10.53 -19.23 14.85
CA ASP A 47 11.81 -19.82 15.26
C ASP A 47 12.48 -20.66 14.18
N GLY A 48 12.35 -20.25 12.92
CA GLY A 48 12.95 -21.01 11.83
C GLY A 48 12.03 -22.05 11.22
N VAL A 49 10.84 -22.22 11.79
CA VAL A 49 9.88 -23.17 11.24
C VAL A 49 8.82 -22.42 10.45
N MET A 50 8.62 -22.78 9.18
CA MET A 50 7.54 -22.15 8.40
C MET A 50 6.23 -22.75 8.85
N VAL A 51 5.24 -21.91 9.11
CA VAL A 51 3.94 -22.40 9.54
C VAL A 51 2.89 -21.79 8.61
N ALA A 52 2.18 -22.64 7.89
CA ALA A 52 1.14 -22.20 6.96
C ALA A 52 -0.23 -22.54 7.54
N ILE A 53 -1.08 -21.53 7.66
CA ILE A 53 -2.39 -21.67 8.26
C ILE A 53 -3.45 -21.41 7.21
N ALA A 54 -4.53 -22.20 7.23
CA ALA A 54 -5.59 -22.02 6.24
C ALA A 54 -6.91 -22.62 6.68
N ASP A 55 -7.99 -22.18 6.03
CA ASP A 55 -9.30 -22.79 6.22
C ASP A 55 -9.31 -24.08 5.43
N ALA A 56 -9.65 -25.18 6.07
CA ALA A 56 -9.89 -26.43 5.35
C ALA A 56 -11.40 -26.45 5.18
N ARG A 57 -11.87 -26.11 3.99
CA ARG A 57 -13.30 -26.10 3.69
C ARG A 57 -13.60 -27.46 3.09
N TYR A 58 -14.00 -28.37 3.96
CA TYR A 58 -14.11 -29.79 3.63
C TYR A 58 -14.99 -30.16 2.45
N GLU A 59 -16.15 -29.53 2.37
CA GLU A 59 -17.20 -29.95 1.42
C GLU A 59 -17.50 -29.02 0.26
N THR A 60 -17.21 -27.73 0.43
CA THR A 60 -17.48 -26.72 -0.59
C THR A 60 -16.69 -25.47 -0.24
N SER A 61 -16.56 -24.54 -1.17
CA SER A 61 -15.82 -23.32 -0.91
C SER A 61 -16.65 -22.24 -0.22
N PHE A 62 -17.96 -22.43 -0.15
CA PHE A 62 -18.83 -21.42 0.47
C PHE A 62 -18.50 -21.19 1.95
N ASP A 63 -18.72 -19.95 2.41
CA ASP A 63 -18.46 -19.60 3.80
C ASP A 63 -19.31 -20.40 4.79
N ASN A 64 -20.58 -20.58 4.47
CA ASN A 64 -21.49 -21.28 5.36
C ASN A 64 -21.46 -22.77 5.14
N SER A 65 -20.36 -23.37 5.56
CA SER A 65 -20.15 -24.79 5.38
C SER A 65 -19.22 -25.30 6.47
N PHE A 66 -18.97 -26.60 6.45
CA PHE A 66 -18.15 -27.28 7.45
C PHE A 66 -16.67 -26.93 7.26
N ILE A 67 -16.10 -26.17 8.19
CA ILE A 67 -14.71 -25.72 8.06
C ILE A 67 -13.94 -25.85 9.37
N GLU A 68 -12.66 -26.24 9.25
CA GLU A 68 -11.75 -26.28 10.39
C GLU A 68 -10.43 -25.63 10.00
N THR A 69 -9.62 -25.25 10.99
CA THR A 69 -8.34 -24.59 10.71
C THR A 69 -7.22 -25.59 10.55
N ALA A 70 -6.67 -25.66 9.35
CA ALA A 70 -5.57 -26.56 9.04
C ALA A 70 -4.22 -25.85 9.13
N VAL A 71 -3.19 -26.65 9.37
CA VAL A 71 -1.83 -26.15 9.43
C VAL A 71 -0.88 -27.10 8.71
N LYS A 72 0.05 -26.54 7.97
CA LYS A 72 1.16 -27.33 7.45
C LYS A 72 2.41 -26.61 7.93
N TYR A 73 3.38 -27.35 8.46
CA TYR A 73 4.61 -26.70 8.93
C TYR A 73 5.85 -27.41 8.40
N SER A 74 6.93 -26.66 8.27
CA SER A 74 8.17 -27.20 7.70
C SER A 74 9.42 -26.67 8.41
N VAL A 75 10.35 -27.56 8.71
CA VAL A 75 11.62 -27.18 9.33
C VAL A 75 12.72 -26.99 8.30
N ASP A 76 12.42 -27.25 7.03
CA ASP A 76 13.41 -27.18 5.97
C ASP A 76 12.99 -26.30 4.78
N ASP A 77 12.39 -25.16 5.09
CA ASP A 77 11.98 -24.19 4.08
C ASP A 77 11.14 -24.73 2.92
N GLY A 78 10.29 -25.70 3.21
CA GLY A 78 9.38 -26.22 2.20
C GLY A 78 9.75 -27.54 1.54
N ALA A 79 10.86 -28.14 1.94
CA ALA A 79 11.23 -29.44 1.39
C ALA A 79 10.17 -30.46 1.81
N THR A 80 9.87 -30.48 3.10
CA THR A 80 8.88 -31.39 3.67
C THR A 80 7.93 -30.62 4.56
N TRP A 81 6.70 -31.12 4.68
CA TRP A 81 5.69 -30.49 5.52
C TRP A 81 4.92 -31.53 6.33
N ASN A 82 4.59 -31.17 7.57
CA ASN A 82 3.71 -31.98 8.40
C ASN A 82 2.36 -31.28 8.40
N THR A 83 1.29 -32.05 8.52
CA THR A 83 -0.08 -31.51 8.42
C THR A 83 -0.88 -31.74 9.70
N GLN A 84 -1.64 -30.73 10.10
CA GLN A 84 -2.45 -30.80 11.31
C GLN A 84 -3.78 -30.09 11.15
N ILE A 85 -4.69 -30.36 12.07
CA ILE A 85 -5.89 -29.54 12.22
C ILE A 85 -5.63 -28.84 13.55
N ALA A 86 -5.36 -27.53 13.48
CA ALA A 86 -5.03 -26.76 14.67
C ALA A 86 -6.24 -26.38 15.51
N ILE A 87 -7.36 -26.14 14.83
CA ILE A 87 -8.58 -25.75 15.52
C ILE A 87 -9.76 -26.51 14.93
N LYS A 88 -10.46 -27.26 15.78
CA LYS A 88 -11.64 -27.98 15.36
C LYS A 88 -12.83 -27.06 15.52
N ASN A 89 -13.91 -27.33 14.77
CA ASN A 89 -15.11 -26.55 14.95
C ASN A 89 -16.01 -27.22 16.00
N SER A 90 -17.16 -26.61 16.28
CA SER A 90 -18.04 -27.08 17.36
C SER A 90 -18.78 -28.39 17.07
N ARG A 91 -18.88 -28.76 15.80
CA ARG A 91 -19.58 -29.98 15.40
C ARG A 91 -21.06 -29.91 15.75
N ALA A 92 -21.59 -28.69 15.87
CA ALA A 92 -22.99 -28.50 16.22
C ALA A 92 -23.93 -28.79 15.06
N SER A 93 -23.42 -28.65 13.84
CA SER A 93 -24.23 -28.86 12.63
C SER A 93 -23.34 -29.06 11.41
N SER A 94 -23.97 -29.30 10.27
CA SER A 94 -23.25 -29.50 9.03
C SER A 94 -22.56 -28.23 8.54
N VAL A 95 -22.84 -27.10 9.17
CA VAL A 95 -22.22 -25.84 8.77
C VAL A 95 -21.36 -25.23 9.88
N SER A 96 -21.09 -26.01 10.93
CA SER A 96 -20.23 -25.52 12.00
C SER A 96 -18.86 -25.21 11.39
N ARG A 97 -18.27 -24.11 11.82
CA ARG A 97 -17.05 -23.67 11.20
C ARG A 97 -16.20 -22.78 12.08
N VAL A 98 -14.89 -22.97 11.98
CA VAL A 98 -13.91 -22.05 12.57
C VAL A 98 -13.14 -21.55 11.34
N MET A 99 -13.05 -20.24 11.21
CA MET A 99 -12.55 -19.67 9.96
C MET A 99 -11.97 -18.28 10.07
N ASP A 100 -11.38 -17.84 8.97
CA ASP A 100 -10.82 -16.49 8.84
C ASP A 100 -9.74 -16.19 9.87
N ALA A 101 -8.74 -17.06 9.91
CA ALA A 101 -7.65 -16.92 10.88
C ALA A 101 -6.79 -15.65 10.73
N THR A 102 -6.50 -15.04 11.88
CA THR A 102 -5.58 -13.91 11.98
C THR A 102 -4.51 -14.37 12.94
N VAL A 103 -3.25 -14.20 12.58
CA VAL A 103 -2.15 -14.84 13.30
C VAL A 103 -1.08 -13.87 13.80
N ILE A 104 -0.62 -14.07 15.04
CA ILE A 104 0.50 -13.29 15.57
C ILE A 104 1.55 -14.26 16.06
N VAL A 105 2.81 -14.00 15.71
CA VAL A 105 3.90 -14.84 16.22
C VAL A 105 4.69 -14.04 17.25
N LYS A 106 4.93 -14.63 18.41
CA LYS A 106 5.81 -14.00 19.41
C LYS A 106 6.64 -15.12 20.02
N GLY A 107 7.95 -15.05 19.82
CA GLY A 107 8.84 -16.09 20.30
C GLY A 107 8.50 -17.39 19.59
N ASN A 108 8.30 -18.46 20.37
CA ASN A 108 7.94 -19.73 19.77
C ASN A 108 6.44 -19.99 19.86
N LYS A 109 5.66 -18.94 20.06
CA LYS A 109 4.21 -19.10 20.14
C LYS A 109 3.47 -18.44 19.00
N LEU A 110 2.36 -19.07 18.62
CA LEU A 110 1.45 -18.56 17.60
C LEU A 110 0.12 -18.26 18.26
N TYR A 111 -0.40 -17.07 18.04
CA TYR A 111 -1.70 -16.72 18.57
C TYR A 111 -2.62 -16.65 17.37
N ILE A 112 -3.65 -17.49 17.36
CA ILE A 112 -4.58 -17.52 16.24
C ILE A 112 -5.98 -17.13 16.70
N LEU A 113 -6.57 -16.16 16.01
CA LEU A 113 -7.90 -15.68 16.32
C LEU A 113 -8.80 -16.05 15.15
N VAL A 114 -9.88 -16.76 15.42
CA VAL A 114 -10.80 -17.18 14.36
C VAL A 114 -12.22 -16.86 14.77
N GLY A 115 -13.11 -16.80 13.78
CA GLY A 115 -14.53 -16.67 14.07
C GLY A 115 -15.10 -18.08 14.11
N SER A 116 -15.91 -18.37 15.13
CA SER A 116 -16.50 -19.69 15.27
C SER A 116 -18.02 -19.56 15.16
N PHE A 117 -18.62 -20.41 14.33
CA PHE A 117 -20.04 -20.37 14.10
C PHE A 117 -20.60 -21.78 14.24
N ASN A 118 -21.82 -21.89 14.75
CA ASN A 118 -22.43 -23.19 14.99
C ASN A 118 -23.41 -23.66 13.93
N LYS A 119 -24.41 -22.82 13.64
CA LYS A 119 -25.52 -23.25 12.79
C LYS A 119 -26.00 -22.29 11.69
N THR A 120 -25.52 -21.05 11.65
CA THR A 120 -26.06 -20.12 10.66
C THR A 120 -25.72 -20.46 9.22
N ARG A 121 -26.70 -20.26 8.35
CA ARG A 121 -26.52 -20.47 6.92
C ARG A 121 -26.35 -19.13 6.21
N ASN A 122 -26.51 -18.03 6.95
CA ASN A 122 -26.30 -16.69 6.39
C ASN A 122 -24.99 -16.07 6.86
N SER A 123 -24.60 -14.96 6.23
CA SER A 123 -23.32 -14.31 6.56
C SER A 123 -23.39 -13.49 7.85
N TRP A 124 -22.24 -13.27 8.46
CA TRP A 124 -22.17 -12.62 9.76
C TRP A 124 -22.86 -11.25 9.90
N THR A 125 -22.81 -10.40 8.89
CA THR A 125 -23.47 -9.09 9.01
C THR A 125 -24.98 -9.20 8.91
N GLN A 126 -25.46 -10.30 8.35
CA GLN A 126 -26.90 -10.51 8.20
C GLN A 126 -27.52 -11.16 9.43
N HIS A 127 -26.70 -11.58 10.40
CA HIS A 127 -27.22 -12.26 11.60
C HIS A 127 -28.13 -11.36 12.42
N ARG A 128 -29.22 -11.93 12.92
CA ARG A 128 -30.15 -11.19 13.77
C ARG A 128 -29.45 -10.65 15.02
N ASP A 129 -28.61 -11.49 15.62
CA ASP A 129 -27.80 -11.10 16.77
C ASP A 129 -26.51 -11.91 16.71
N GLY A 130 -25.71 -11.88 17.78
CA GLY A 130 -24.44 -12.58 17.78
C GLY A 130 -24.46 -13.95 18.44
N SER A 131 -25.64 -14.51 18.64
CA SER A 131 -25.76 -15.76 19.40
C SER A 131 -25.13 -17.01 18.76
N ASP A 132 -24.91 -16.99 17.45
CA ASP A 132 -24.33 -18.15 16.80
C ASP A 132 -22.80 -18.09 16.74
N TRP A 133 -22.25 -16.99 17.23
CA TRP A 133 -20.84 -16.67 17.05
C TRP A 133 -19.99 -16.58 18.32
N GLU A 134 -18.71 -16.96 18.20
CA GLU A 134 -17.74 -16.75 19.25
C GLU A 134 -16.40 -16.41 18.60
N PRO A 135 -15.65 -15.46 19.16
CA PRO A 135 -14.30 -15.18 18.68
C PRO A 135 -13.36 -16.04 19.50
N LEU A 136 -12.66 -16.97 18.85
CA LEU A 136 -11.79 -17.90 19.55
C LEU A 136 -10.31 -17.58 19.40
N LEU A 137 -9.59 -17.66 20.52
CA LEU A 137 -8.16 -17.47 20.52
C LEU A 137 -7.54 -18.82 20.88
N VAL A 138 -6.58 -19.22 20.05
CA VAL A 138 -5.85 -20.46 20.23
C VAL A 138 -4.36 -20.15 20.24
N VAL A 139 -3.63 -20.74 21.18
CA VAL A 139 -2.20 -20.55 21.25
C VAL A 139 -1.47 -21.83 20.90
N GLY A 140 -0.54 -21.73 19.97
CA GLY A 140 0.26 -22.89 19.60
C GLY A 140 1.70 -22.64 20.00
N GLU A 141 2.41 -23.71 20.34
CA GLU A 141 3.79 -23.61 20.75
C GLU A 141 4.65 -24.49 19.88
N VAL A 142 5.62 -23.88 19.21
CA VAL A 142 6.53 -24.62 18.35
C VAL A 142 7.75 -25.08 19.14
N THR A 143 8.05 -26.38 19.06
CA THR A 143 9.20 -26.94 19.75
C THR A 143 10.14 -27.61 18.75
N LYS A 144 11.40 -27.21 18.79
CA LYS A 144 12.39 -27.78 17.89
C LYS A 144 13.26 -28.79 18.64
N SER A 145 13.62 -29.86 17.94
CA SER A 145 14.50 -30.88 18.49
C SER A 145 15.47 -31.14 17.35
N ALA A 146 16.08 -32.32 17.33
CA ALA A 146 17.01 -32.63 16.25
C ALA A 146 17.67 -33.99 16.42
N ALA A 147 17.41 -34.89 15.49
CA ALA A 147 18.07 -36.19 15.49
C ALA A 147 19.54 -35.96 15.20
N ASN A 148 20.19 -36.93 14.59
CA ASN A 148 21.58 -36.77 14.20
C ASN A 148 21.68 -36.09 12.84
N GLY A 149 21.88 -34.77 12.86
CA GLY A 149 22.01 -34.00 11.63
C GLY A 149 20.73 -33.37 11.11
N LYS A 150 19.58 -33.94 11.47
CA LYS A 150 18.29 -33.42 11.01
C LYS A 150 17.45 -32.85 12.14
N THR A 151 17.03 -31.60 11.98
CA THR A 151 16.15 -30.96 12.95
C THR A 151 14.71 -31.41 12.72
N THR A 152 13.96 -31.58 13.80
CA THR A 152 12.54 -31.90 13.69
C THR A 152 11.78 -30.86 14.51
N ALA A 153 10.49 -30.76 14.28
CA ALA A 153 9.67 -29.83 15.05
C ALA A 153 8.28 -30.38 15.26
N THR A 154 7.64 -29.95 16.34
CA THR A 154 6.25 -30.28 16.59
C THR A 154 5.56 -28.99 17.00
N ILE A 155 4.26 -28.94 16.82
CA ILE A 155 3.50 -27.80 17.27
C ILE A 155 2.37 -28.34 18.14
N SER A 156 2.29 -27.85 19.37
CA SER A 156 1.21 -28.23 20.27
C SER A 156 0.17 -27.12 20.30
N TRP A 157 -1.08 -27.48 20.01
CA TRP A 157 -2.16 -26.51 19.98
C TRP A 157 -3.02 -26.57 21.24
N GLY A 158 -3.21 -25.43 21.88
CA GLY A 158 -4.04 -25.35 23.08
C GLY A 158 -5.51 -25.36 22.74
N LYS A 159 -6.35 -25.51 23.77
CA LYS A 159 -7.80 -25.45 23.58
C LYS A 159 -8.19 -24.00 23.35
N PRO A 160 -9.19 -23.79 22.50
CA PRO A 160 -9.68 -22.44 22.21
C PRO A 160 -10.30 -21.76 23.42
N VAL A 161 -10.14 -20.44 23.48
CA VAL A 161 -10.73 -19.63 24.52
C VAL A 161 -11.56 -18.54 23.85
N SER A 162 -12.81 -18.38 24.29
CA SER A 162 -13.66 -17.35 23.71
C SER A 162 -13.34 -16.00 24.30
N LEU A 163 -13.26 -14.99 23.44
CA LEU A 163 -13.01 -13.62 23.90
C LEU A 163 -14.31 -12.85 23.91
N LYS A 164 -15.43 -13.56 23.77
CA LYS A 164 -16.75 -12.93 23.75
C LYS A 164 -17.02 -12.09 25.00
N PRO A 165 -16.70 -12.62 26.18
CA PRO A 165 -16.88 -11.85 27.41
C PRO A 165 -16.09 -10.53 27.47
N LEU A 166 -15.11 -10.36 26.59
CA LEU A 166 -14.30 -9.15 26.58
C LEU A 166 -14.77 -8.12 25.56
N PHE A 167 -15.80 -8.49 24.80
CA PHE A 167 -16.33 -7.66 23.73
C PHE A 167 -17.38 -6.68 24.24
N PRO A 168 -17.10 -5.39 24.21
CA PRO A 168 -18.08 -4.40 24.66
C PRO A 168 -19.38 -4.52 23.89
N ALA A 169 -20.51 -4.22 24.55
CA ALA A 169 -21.80 -4.30 23.89
C ALA A 169 -22.06 -3.06 23.05
N GLU A 170 -21.26 -2.02 23.26
CA GLU A 170 -21.40 -0.80 22.48
C GLU A 170 -20.07 -0.05 22.37
N PHE A 171 -19.92 0.68 21.27
CA PHE A 171 -18.76 1.53 21.07
C PHE A 171 -19.30 2.91 20.73
N ASP A 172 -19.10 3.85 21.64
CA ASP A 172 -19.53 5.22 21.41
C ASP A 172 -20.94 5.26 20.80
N GLY A 173 -21.86 4.50 21.40
CA GLY A 173 -23.22 4.47 20.91
C GLY A 173 -23.53 3.35 19.94
N ILE A 174 -22.50 2.93 19.18
CA ILE A 174 -22.69 1.85 18.22
C ILE A 174 -22.89 0.52 18.97
N LEU A 175 -24.04 -0.11 18.77
CA LEU A 175 -24.31 -1.40 19.41
C LEU A 175 -23.66 -2.51 18.61
N THR A 176 -22.82 -3.29 19.26
CA THR A 176 -22.07 -4.35 18.58
C THR A 176 -22.85 -5.64 18.43
N LYS A 177 -22.39 -6.47 17.50
CA LYS A 177 -22.98 -7.76 17.24
C LYS A 177 -21.92 -8.86 17.27
N GLU A 178 -20.92 -8.74 16.40
CA GLU A 178 -19.85 -9.73 16.32
C GLU A 178 -18.54 -9.07 15.89
N PHE A 179 -17.43 -9.75 16.13
CA PHE A 179 -16.14 -9.32 15.59
C PHE A 179 -15.29 -10.52 15.20
N VAL A 180 -14.43 -10.30 14.20
CA VAL A 180 -13.54 -11.30 13.68
C VAL A 180 -12.20 -10.59 13.54
N GLY A 181 -11.11 -11.33 13.52
CA GLY A 181 -9.81 -10.72 13.26
C GLY A 181 -9.79 -10.22 11.82
N GLY A 182 -8.84 -9.35 11.50
CA GLY A 182 -8.75 -8.76 10.17
C GLY A 182 -8.27 -9.69 9.07
N VAL A 183 -7.88 -10.91 9.44
CA VAL A 183 -7.40 -11.95 8.54
C VAL A 183 -5.94 -11.78 8.14
N GLY A 184 -5.18 -12.86 8.29
CA GLY A 184 -3.78 -12.85 7.90
C GLY A 184 -2.85 -12.58 9.05
N ALA A 185 -1.62 -12.18 8.71
CA ALA A 185 -0.61 -11.93 9.73
C ALA A 185 -0.76 -10.57 10.39
N ALA A 186 -0.87 -10.58 11.71
CA ALA A 186 -0.92 -9.38 12.52
C ALA A 186 0.45 -9.25 13.19
N ILE A 187 0.58 -8.45 14.24
CA ILE A 187 1.93 -8.15 14.73
C ILE A 187 2.13 -8.13 16.23
N VAL A 188 3.41 -8.16 16.59
CA VAL A 188 3.85 -7.79 17.92
C VAL A 188 4.49 -6.43 17.70
N ALA A 189 3.98 -5.42 18.41
CA ALA A 189 4.51 -4.07 18.31
C ALA A 189 5.89 -3.99 18.95
N SER A 190 6.61 -2.89 18.69
CA SER A 190 7.95 -2.75 19.25
C SER A 190 7.94 -2.76 20.77
N ASN A 191 6.80 -2.43 21.38
CA ASN A 191 6.68 -2.41 22.83
C ASN A 191 6.27 -3.77 23.37
N GLY A 192 6.18 -4.76 22.48
CA GLY A 192 5.83 -6.11 22.89
C GLY A 192 4.34 -6.43 22.90
N ASN A 193 3.49 -5.44 22.67
CA ASN A 193 2.05 -5.71 22.64
C ASN A 193 1.68 -6.64 21.49
N LEU A 194 0.73 -7.53 21.74
CA LEU A 194 0.13 -8.31 20.68
C LEU A 194 -0.93 -7.37 20.09
N VAL A 195 -0.91 -7.16 18.78
CA VAL A 195 -1.84 -6.23 18.16
C VAL A 195 -2.63 -6.89 17.05
N TYR A 196 -3.93 -7.07 17.27
CA TYR A 196 -4.81 -7.60 16.24
C TYR A 196 -5.68 -6.47 15.70
N PRO A 197 -5.72 -6.32 14.38
CA PRO A 197 -6.70 -5.43 13.78
C PRO A 197 -7.97 -6.28 13.73
N VAL A 198 -9.12 -5.71 14.06
CA VAL A 198 -10.35 -6.48 14.03
C VAL A 198 -11.41 -5.79 13.18
N GLN A 199 -12.35 -6.58 12.68
CA GLN A 199 -13.47 -6.04 11.91
C GLN A 199 -14.69 -6.31 12.76
N ILE A 200 -15.51 -5.28 12.95
CA ILE A 200 -16.66 -5.38 13.83
C ILE A 200 -17.94 -5.15 13.06
N ALA A 201 -18.92 -6.01 13.29
CA ALA A 201 -20.24 -5.86 12.69
C ALA A 201 -21.16 -5.31 13.77
N ASP A 202 -21.88 -4.24 13.47
CA ASP A 202 -22.81 -3.68 14.46
C ASP A 202 -24.19 -4.30 14.30
N MET A 203 -25.09 -3.99 15.22
CA MET A 203 -26.43 -4.56 15.16
C MET A 203 -27.06 -4.24 13.82
N GLY A 204 -26.92 -2.99 13.37
CA GLY A 204 -27.52 -2.55 12.14
C GLY A 204 -26.73 -2.81 10.85
N GLY A 205 -26.12 -4.00 10.74
CA GLY A 205 -25.45 -4.43 9.52
C GLY A 205 -24.12 -3.83 9.05
N ARG A 206 -23.67 -2.76 9.67
CA ARG A 206 -22.45 -2.06 9.27
C ARG A 206 -21.17 -2.74 9.79
N VAL A 207 -20.08 -2.56 9.06
CA VAL A 207 -18.79 -3.10 9.47
C VAL A 207 -17.81 -1.95 9.57
N PHE A 208 -16.92 -1.99 10.56
CA PHE A 208 -15.86 -0.99 10.69
C PHE A 208 -14.69 -1.68 11.39
N THR A 209 -13.54 -1.04 11.43
CA THR A 209 -12.38 -1.70 12.01
C THR A 209 -11.84 -0.97 13.24
N LYS A 210 -11.16 -1.74 14.09
CA LYS A 210 -10.56 -1.24 15.32
C LYS A 210 -9.30 -2.02 15.62
N ILE A 211 -8.57 -1.60 16.65
CA ILE A 211 -7.40 -2.32 17.12
C ILE A 211 -7.77 -3.00 18.43
N MET A 212 -7.43 -4.27 18.55
CA MET A 212 -7.62 -5.00 19.79
C MET A 212 -6.23 -5.47 20.21
N TYR A 213 -5.78 -5.06 21.40
CA TYR A 213 -4.41 -5.38 21.78
C TYR A 213 -4.26 -5.94 23.20
N SER A 214 -3.11 -6.56 23.42
CA SER A 214 -2.77 -7.11 24.75
C SER A 214 -1.36 -6.72 25.17
N GLU A 215 -1.24 -6.27 26.41
CA GLU A 215 0.04 -5.88 26.99
C GLU A 215 0.62 -7.00 27.84
N ASP A 216 -0.10 -8.11 27.95
CA ASP A 216 0.32 -9.20 28.83
C ASP A 216 0.36 -10.56 28.14
N ASP A 217 0.79 -10.56 26.89
CA ASP A 217 0.94 -11.78 26.12
C ASP A 217 -0.33 -12.60 25.98
N GLY A 218 -1.46 -11.89 25.84
CA GLY A 218 -2.71 -12.54 25.54
C GLY A 218 -3.61 -12.88 26.70
N ASN A 219 -3.20 -12.52 27.91
CA ASN A 219 -4.04 -12.79 29.07
C ASN A 219 -5.26 -11.90 29.13
N THR A 220 -5.08 -10.62 28.79
CA THR A 220 -6.18 -9.68 28.71
C THR A 220 -6.09 -8.92 27.40
N TRP A 221 -7.23 -8.46 26.92
CA TRP A 221 -7.33 -7.73 25.66
C TRP A 221 -8.12 -6.46 25.84
N LYS A 222 -7.70 -5.42 25.13
CA LYS A 222 -8.35 -4.12 25.17
C LYS A 222 -8.70 -3.70 23.76
N PHE A 223 -9.87 -3.09 23.60
CA PHE A 223 -10.26 -2.51 22.32
C PHE A 223 -9.92 -1.02 22.38
N ALA A 224 -9.04 -0.57 21.50
CA ALA A 224 -8.64 0.83 21.48
C ALA A 224 -9.78 1.74 21.02
N GLU A 225 -9.72 3.01 21.39
CA GLU A 225 -10.83 3.93 21.14
C GLU A 225 -11.13 4.28 19.69
N GLY A 226 -10.10 4.35 18.85
CA GLY A 226 -10.30 4.76 17.47
C GLY A 226 -10.98 3.72 16.59
N ARG A 227 -11.48 4.17 15.44
CA ARG A 227 -12.09 3.27 14.47
C ARG A 227 -12.02 3.83 13.07
N SER A 228 -12.24 2.95 12.09
CA SER A 228 -12.33 3.38 10.71
C SER A 228 -13.73 3.91 10.41
N LYS A 229 -13.89 4.45 9.20
CA LYS A 229 -15.22 4.79 8.70
C LYS A 229 -15.98 3.49 8.54
N PHE A 230 -17.31 3.58 8.46
CA PHE A 230 -18.11 2.39 8.18
C PHE A 230 -17.80 1.94 6.75
N GLY A 231 -17.90 0.64 6.51
CA GLY A 231 -17.63 0.11 5.18
C GLY A 231 -16.25 -0.49 5.04
N CYS A 232 -15.45 -0.41 6.09
CA CYS A 232 -14.11 -1.01 6.08
C CYS A 232 -14.16 -2.38 6.70
N SER A 233 -13.44 -3.33 6.10
CA SER A 233 -13.38 -4.69 6.63
C SER A 233 -11.97 -5.24 6.46
N GLU A 234 -11.77 -6.51 6.85
CA GLU A 234 -10.47 -7.21 6.78
C GLU A 234 -9.24 -6.31 6.85
N PRO A 235 -9.09 -5.61 7.96
CA PRO A 235 -7.95 -4.70 8.12
C PRO A 235 -6.64 -5.46 8.34
N ALA A 236 -5.55 -4.96 7.76
CA ALA A 236 -4.22 -5.51 8.01
C ALA A 236 -3.40 -4.39 8.65
N VAL A 237 -2.57 -4.74 9.62
CA VAL A 237 -1.80 -3.71 10.33
C VAL A 237 -0.32 -4.03 10.37
N LEU A 238 0.49 -2.98 10.33
CA LEU A 238 1.92 -3.11 10.56
C LEU A 238 2.36 -1.90 11.35
N GLU A 239 3.58 -1.94 11.88
CA GLU A 239 4.12 -0.81 12.60
C GLU A 239 5.18 -0.13 11.74
N TRP A 240 5.10 1.20 11.66
CA TRP A 240 6.02 1.98 10.86
C TRP A 240 6.38 3.24 11.60
N GLU A 241 7.67 3.40 11.89
CA GLU A 241 8.16 4.61 12.56
C GLU A 241 7.33 4.99 13.78
N GLY A 242 7.08 4.00 14.63
CA GLY A 242 6.37 4.18 15.88
C GLY A 242 4.87 4.33 15.76
N LYS A 243 4.34 4.07 14.58
CA LYS A 243 2.89 4.18 14.40
C LYS A 243 2.32 2.89 13.83
N LEU A 244 1.03 2.69 14.04
CA LEU A 244 0.32 1.58 13.42
C LEU A 244 -0.26 2.11 12.11
N ILE A 245 -0.09 1.35 11.03
CA ILE A 245 -0.69 1.71 9.76
C ILE A 245 -1.71 0.61 9.50
N ILE A 246 -2.97 1.00 9.37
CA ILE A 246 -4.07 0.07 9.18
C ILE A 246 -4.61 0.22 7.76
N ASN A 247 -4.46 -0.86 6.99
CA ASN A 247 -4.83 -0.89 5.58
C ASN A 247 -6.09 -1.74 5.44
N ASN A 248 -7.18 -1.10 5.02
CA ASN A 248 -8.51 -1.73 5.03
C ASN A 248 -9.05 -2.18 3.69
N ARG A 249 -9.74 -3.32 3.69
CA ARG A 249 -10.54 -3.73 2.55
C ARG A 249 -11.76 -2.82 2.54
N VAL A 250 -12.17 -2.38 1.35
CA VAL A 250 -13.35 -1.54 1.19
C VAL A 250 -14.09 -2.00 -0.05
N ASP A 251 -15.17 -2.77 0.13
CA ASP A 251 -15.92 -3.25 -1.02
C ASP A 251 -16.58 -2.07 -1.70
N GLY A 252 -16.44 -1.95 -3.02
CA GLY A 252 -17.15 -0.90 -3.74
C GLY A 252 -16.60 0.51 -3.72
N ASN A 253 -15.43 0.72 -3.13
CA ASN A 253 -14.73 2.01 -3.16
C ASN A 253 -13.24 1.77 -2.92
N ARG A 254 -12.44 2.82 -3.00
CA ARG A 254 -10.99 2.70 -2.84
C ARG A 254 -10.58 2.37 -1.39
N ARG A 255 -9.39 1.77 -1.23
CA ARG A 255 -8.97 1.30 0.09
C ARG A 255 -8.53 2.43 1.00
N LEU A 256 -9.13 2.50 2.17
CA LEU A 256 -8.76 3.52 3.15
C LEU A 256 -7.61 3.02 4.02
N VAL A 257 -6.64 3.89 4.25
CA VAL A 257 -5.51 3.56 5.13
C VAL A 257 -5.47 4.61 6.24
N TYR A 258 -5.23 4.16 7.46
CA TYR A 258 -5.14 5.06 8.61
C TYR A 258 -3.83 4.87 9.34
N GLU A 259 -3.44 5.90 10.09
CA GLU A 259 -2.27 5.86 10.97
C GLU A 259 -2.72 6.14 12.41
N SER A 260 -2.08 5.49 13.37
CA SER A 260 -2.35 5.77 14.80
C SER A 260 -1.02 5.74 15.56
N SER A 261 -0.73 6.84 16.27
CA SER A 261 0.51 6.94 17.01
C SER A 261 0.36 6.55 18.47
N ASP A 262 -0.86 6.19 18.87
CA ASP A 262 -1.12 5.89 20.28
C ASP A 262 -1.83 4.57 20.47
N MET A 263 -1.31 3.53 19.83
CA MET A 263 -1.83 2.18 19.98
C MET A 263 -3.32 2.10 19.68
N GLY A 264 -3.76 2.83 18.66
CA GLY A 264 -5.14 2.80 18.22
C GLY A 264 -6.13 3.74 18.88
N LYS A 265 -5.69 4.54 19.85
CA LYS A 265 -6.63 5.45 20.52
C LYS A 265 -7.19 6.49 19.56
N THR A 266 -6.33 7.07 18.74
CA THR A 266 -6.77 8.00 17.72
C THR A 266 -6.28 7.54 16.36
N TRP A 267 -7.15 7.67 15.36
CA TRP A 267 -6.79 7.30 13.99
C TRP A 267 -6.89 8.53 13.11
N VAL A 268 -5.97 8.66 12.15
CA VAL A 268 -6.07 9.72 11.17
C VAL A 268 -5.92 9.06 9.80
N GLU A 269 -6.74 9.46 8.84
CA GLU A 269 -6.61 8.87 7.51
C GLU A 269 -5.25 9.25 6.92
N ALA A 270 -4.59 8.29 6.28
CA ALA A 270 -3.25 8.52 5.71
C ALA A 270 -3.31 9.23 4.36
N LEU A 271 -3.88 10.43 4.36
CA LEU A 271 -4.10 11.18 3.14
C LEU A 271 -2.82 11.57 2.42
N GLY A 272 -1.76 11.76 3.18
CA GLY A 272 -0.51 12.22 2.59
C GLY A 272 0.41 11.10 2.16
N THR A 273 -0.03 9.85 2.25
CA THR A 273 0.83 8.74 1.88
C THR A 273 0.17 7.60 1.12
N LEU A 274 -0.63 6.81 1.83
CA LEU A 274 -1.16 5.56 1.27
C LEU A 274 -2.66 5.45 1.11
N SER A 275 -3.45 6.29 1.76
CA SER A 275 -4.90 6.14 1.62
C SER A 275 -5.39 6.41 0.19
N HIS A 276 -6.30 5.57 -0.26
CA HIS A 276 -6.88 5.63 -1.61
C HIS A 276 -5.90 5.32 -2.75
N VAL A 277 -4.71 4.88 -2.42
CA VAL A 277 -3.76 4.48 -3.46
C VAL A 277 -4.25 3.22 -4.15
N TRP A 278 -4.64 2.23 -3.35
CA TRP A 278 -5.05 0.94 -3.91
C TRP A 278 -6.56 0.78 -3.94
N THR A 279 -7.01 -0.12 -4.80
CA THR A 279 -8.45 -0.28 -4.96
C THR A 279 -8.82 -1.70 -5.38
N ASN A 280 -10.13 -1.92 -5.53
CA ASN A 280 -10.65 -3.27 -5.78
C ASN A 280 -10.70 -3.77 -7.22
N SER A 281 -10.59 -2.85 -8.18
CA SER A 281 -10.72 -3.15 -9.62
C SER A 281 -10.46 -1.86 -10.38
N PRO A 282 -10.34 -1.93 -11.70
CA PRO A 282 -10.12 -0.71 -12.50
C PRO A 282 -11.18 0.38 -12.24
N THR A 283 -12.44 0.00 -12.03
CA THR A 283 -13.51 0.98 -11.82
C THR A 283 -13.84 1.29 -10.36
N SER A 284 -13.18 0.60 -9.43
CA SER A 284 -13.36 0.80 -7.98
C SER A 284 -14.74 0.50 -7.40
N ASN A 285 -15.64 -0.06 -8.21
CA ASN A 285 -17.00 -0.31 -7.73
C ASN A 285 -17.29 -1.78 -7.58
N GLN A 286 -16.24 -2.57 -7.40
CA GLN A 286 -16.38 -4.02 -7.28
C GLN A 286 -16.05 -4.50 -5.88
N GLN A 287 -16.39 -5.76 -5.62
CA GLN A 287 -16.03 -6.43 -4.38
C GLN A 287 -14.52 -6.33 -4.21
N ASP A 288 -14.08 -5.99 -3.01
CA ASP A 288 -12.65 -5.89 -2.75
C ASP A 288 -12.13 -7.25 -2.26
N CYS A 289 -10.88 -7.27 -1.82
CA CYS A 289 -10.21 -8.50 -1.41
C CYS A 289 -9.27 -8.21 -0.26
N GLN A 290 -9.03 -9.24 0.54
CA GLN A 290 -8.01 -9.22 1.59
C GLN A 290 -6.64 -8.98 0.94
N SER A 291 -5.75 -8.34 1.69
CA SER A 291 -4.40 -8.02 1.23
C SER A 291 -3.44 -8.32 2.36
N SER A 292 -2.22 -8.80 2.05
CA SER A 292 -1.25 -8.92 3.13
C SER A 292 -0.51 -7.59 3.13
N PHE A 293 -0.04 -7.17 4.29
CA PHE A 293 0.59 -5.86 4.47
C PHE A 293 1.58 -6.10 5.60
N VAL A 294 2.86 -6.19 5.23
CA VAL A 294 3.89 -6.59 6.19
C VAL A 294 5.14 -5.75 6.03
N ALA A 295 5.73 -5.43 7.17
CA ALA A 295 6.98 -4.67 7.20
C ALA A 295 8.15 -5.64 7.19
N VAL A 296 9.16 -5.35 6.36
CA VAL A 296 10.37 -6.17 6.29
C VAL A 296 11.57 -5.26 6.14
N THR A 297 12.77 -5.82 6.33
CA THR A 297 13.99 -5.04 6.13
C THR A 297 14.77 -5.68 5.01
N ILE A 298 14.99 -4.93 3.94
CA ILE A 298 15.71 -5.42 2.78
C ILE A 298 16.91 -4.53 2.52
N GLU A 299 18.08 -5.12 2.35
CA GLU A 299 19.30 -4.34 2.10
C GLU A 299 19.48 -3.28 3.19
N GLY A 300 19.08 -3.62 4.41
CA GLY A 300 19.22 -2.73 5.53
C GLY A 300 18.18 -1.61 5.61
N LYS A 301 17.22 -1.61 4.70
CA LYS A 301 16.20 -0.56 4.68
C LYS A 301 14.83 -1.14 4.99
N ARG A 302 14.10 -0.49 5.88
CA ARG A 302 12.77 -0.94 6.20
C ARG A 302 11.79 -0.53 5.10
N VAL A 303 10.94 -1.47 4.68
CA VAL A 303 9.93 -1.19 3.66
C VAL A 303 8.68 -1.98 4.01
N MET A 304 7.57 -1.65 3.36
CA MET A 304 6.30 -2.36 3.54
C MET A 304 5.96 -3.10 2.26
N LEU A 305 5.49 -4.34 2.38
CA LEU A 305 5.07 -5.12 1.24
C LEU A 305 3.55 -5.23 1.28
N PHE A 306 2.91 -5.11 0.13
CA PHE A 306 1.47 -5.14 0.03
C PHE A 306 1.06 -5.99 -1.16
N THR A 307 0.15 -6.94 -0.96
CA THR A 307 -0.31 -7.77 -2.07
C THR A 307 -1.80 -7.58 -2.34
N HIS A 308 -2.21 -7.53 -3.60
CA HIS A 308 -3.64 -7.38 -3.91
C HIS A 308 -3.85 -7.72 -5.37
N PRO A 309 -4.97 -8.38 -5.68
CA PRO A 309 -5.28 -8.68 -7.08
C PRO A 309 -5.75 -7.43 -7.82
N LEU A 310 -5.48 -7.36 -9.12
CA LEU A 310 -6.01 -6.25 -9.89
C LEU A 310 -7.50 -6.46 -10.14
N ASN A 311 -7.93 -7.72 -10.18
CA ASN A 311 -9.34 -8.04 -10.36
C ASN A 311 -9.92 -7.42 -11.62
N LEU A 312 -9.23 -7.58 -12.76
CA LEU A 312 -9.75 -7.04 -14.01
C LEU A 312 -11.05 -7.73 -14.42
N LYS A 313 -11.27 -8.96 -13.95
CA LYS A 313 -12.49 -9.69 -14.26
C LYS A 313 -13.68 -9.23 -13.41
N GLY A 314 -13.38 -8.69 -12.23
CA GLY A 314 -14.41 -8.19 -11.35
C GLY A 314 -15.03 -9.20 -10.40
N ARG A 315 -15.90 -8.69 -9.53
CA ARG A 315 -16.55 -9.49 -8.52
C ARG A 315 -15.51 -10.27 -7.71
N TRP A 316 -15.73 -11.56 -7.50
CA TRP A 316 -14.84 -12.35 -6.66
C TRP A 316 -13.70 -13.04 -7.42
N MET A 317 -13.58 -12.79 -8.72
CA MET A 317 -12.58 -13.50 -9.53
C MET A 317 -11.13 -13.24 -9.05
N ARG A 318 -10.81 -11.97 -8.85
CA ARG A 318 -9.53 -11.60 -8.26
C ARG A 318 -8.31 -12.13 -9.00
N ASP A 319 -8.32 -11.97 -10.32
CA ASP A 319 -7.18 -12.32 -11.15
C ASP A 319 -6.04 -11.33 -10.92
N ARG A 320 -4.85 -11.76 -11.30
CA ARG A 320 -3.67 -10.89 -11.36
C ARG A 320 -3.22 -10.30 -10.02
N LEU A 321 -2.73 -11.18 -9.16
CA LEU A 321 -2.21 -10.78 -7.86
C LEU A 321 -0.90 -10.03 -8.05
N HIS A 322 -0.84 -8.81 -7.51
CA HIS A 322 0.38 -8.00 -7.57
C HIS A 322 1.02 -7.83 -6.20
N LEU A 323 2.33 -7.58 -6.23
CA LEU A 323 3.11 -7.30 -5.04
C LEU A 323 3.66 -5.89 -5.18
N TRP A 324 3.43 -5.04 -4.18
CA TRP A 324 3.98 -3.70 -4.18
C TRP A 324 4.91 -3.51 -2.99
N MET A 325 5.89 -2.62 -3.14
CA MET A 325 6.85 -2.33 -2.08
C MET A 325 6.91 -0.83 -1.89
N THR A 326 6.75 -0.37 -0.64
CA THR A 326 6.79 1.07 -0.39
C THR A 326 7.59 1.42 0.86
N ASP A 327 8.22 2.60 0.85
CA ASP A 327 8.91 3.08 2.03
C ASP A 327 8.13 4.27 2.62
N ASN A 328 6.83 4.28 2.34
CA ASN A 328 5.92 5.33 2.80
C ASN A 328 6.11 6.64 2.04
N GLN A 329 6.90 6.59 0.97
CA GLN A 329 7.13 7.75 0.12
C GLN A 329 6.98 7.28 -1.31
N ARG A 330 7.89 6.42 -1.74
CA ARG A 330 7.80 5.85 -3.08
C ARG A 330 6.99 4.56 -3.01
N ILE A 331 6.32 4.25 -4.11
CA ILE A 331 5.52 3.02 -4.17
C ILE A 331 5.88 2.31 -5.46
N PHE A 332 6.53 1.15 -5.34
CA PHE A 332 6.99 0.37 -6.49
C PHE A 332 6.13 -0.86 -6.74
N ASP A 333 5.72 -1.06 -7.99
CA ASP A 333 4.98 -2.26 -8.39
C ASP A 333 6.01 -3.34 -8.73
N VAL A 334 6.22 -4.29 -7.81
CA VAL A 334 7.20 -5.37 -8.04
C VAL A 334 6.76 -6.22 -9.22
N GLY A 335 5.45 -6.35 -9.40
CA GLY A 335 4.91 -7.07 -10.54
C GLY A 335 3.81 -8.05 -10.16
N GLN A 336 3.33 -8.80 -11.15
CA GLN A 336 2.30 -9.80 -10.92
C GLN A 336 2.96 -11.09 -10.43
N ILE A 337 2.45 -11.64 -9.33
CA ILE A 337 3.03 -12.87 -8.80
C ILE A 337 2.18 -14.10 -9.04
N SER A 338 0.92 -13.91 -9.43
CA SER A 338 0.11 -15.04 -9.88
C SER A 338 0.52 -15.27 -11.34
N ILE A 339 -0.02 -16.33 -11.94
CA ILE A 339 0.36 -16.70 -13.31
C ILE A 339 -0.71 -16.41 -14.35
N GLY A 340 -0.35 -15.64 -15.37
CA GLY A 340 -1.26 -15.31 -16.45
C GLY A 340 -2.55 -14.71 -15.96
N ASP A 341 -3.66 -15.16 -16.52
CA ASP A 341 -4.96 -14.62 -16.16
C ASP A 341 -5.73 -15.46 -15.14
N GLU A 342 -5.04 -16.32 -14.40
CA GLU A 342 -5.70 -17.16 -13.41
C GLU A 342 -6.34 -16.31 -12.32
N ASN A 343 -7.44 -16.81 -11.76
CA ASN A 343 -8.07 -16.20 -10.62
C ASN A 343 -7.22 -16.51 -9.41
N SER A 344 -6.94 -15.50 -8.60
CA SER A 344 -6.17 -15.72 -7.37
C SER A 344 -7.08 -15.46 -6.18
N GLY A 345 -6.71 -14.52 -5.32
CA GLY A 345 -7.54 -14.23 -4.16
C GLY A 345 -6.73 -13.78 -2.96
N TYR A 346 -7.07 -14.30 -1.79
CA TYR A 346 -6.37 -13.95 -0.56
C TYR A 346 -4.90 -14.38 -0.64
N SER A 347 -4.03 -13.68 0.08
CA SER A 347 -2.61 -13.92 -0.05
C SER A 347 -1.83 -13.62 1.23
N SER A 348 -0.60 -14.11 1.25
CA SER A 348 0.29 -13.92 2.38
C SER A 348 1.70 -13.87 1.83
N VAL A 349 2.55 -13.01 2.41
CA VAL A 349 3.95 -12.91 1.98
C VAL A 349 4.85 -13.04 3.20
N LEU A 350 5.98 -13.73 3.02
CA LEU A 350 6.91 -13.96 4.12
C LEU A 350 8.34 -13.76 3.64
N TYR A 351 9.12 -13.03 4.41
CA TYR A 351 10.54 -12.84 4.11
C TYR A 351 11.28 -13.51 5.26
N LYS A 352 12.00 -14.59 4.95
CA LYS A 352 12.66 -15.41 5.96
C LYS A 352 14.05 -15.81 5.49
N ASP A 353 15.06 -15.48 6.29
CA ASP A 353 16.44 -15.83 5.98
C ASP A 353 16.85 -15.40 4.57
N ASP A 354 16.53 -14.15 4.26
CA ASP A 354 16.85 -13.56 2.97
C ASP A 354 16.22 -14.28 1.78
N LYS A 355 15.07 -14.93 2.01
CA LYS A 355 14.33 -15.55 0.94
C LYS A 355 12.88 -15.06 1.03
N LEU A 356 12.26 -14.78 -0.12
CA LEU A 356 10.88 -14.26 -0.16
C LEU A 356 9.90 -15.31 -0.66
N TYR A 357 8.76 -15.43 0.03
CA TYR A 357 7.76 -16.44 -0.32
C TYR A 357 6.36 -15.86 -0.26
N SER A 358 5.45 -16.54 -0.95
CA SER A 358 4.03 -16.20 -0.83
C SER A 358 3.21 -17.46 -0.70
N LEU A 359 2.10 -17.36 0.00
CA LEU A 359 1.11 -18.44 0.08
C LEU A 359 -0.17 -17.74 -0.37
N HIS A 360 -0.74 -18.16 -1.49
CA HIS A 360 -1.95 -17.49 -1.96
C HIS A 360 -2.94 -18.40 -2.65
N GLU A 361 -4.18 -17.95 -2.75
CA GLU A 361 -5.23 -18.73 -3.39
C GLU A 361 -5.13 -18.76 -4.91
N ILE A 362 -5.51 -19.90 -5.49
CA ILE A 362 -5.81 -19.98 -6.92
C ILE A 362 -7.18 -20.61 -7.00
N ASN A 363 -7.96 -20.18 -7.98
CA ASN A 363 -9.35 -20.55 -8.06
C ASN A 363 -9.76 -20.93 -9.47
N THR A 364 -10.22 -22.17 -9.67
CA THR A 364 -10.85 -22.55 -10.92
C THR A 364 -12.22 -23.12 -10.58
N ASN A 365 -13.28 -22.55 -11.16
CA ASN A 365 -14.64 -22.99 -10.88
C ASN A 365 -15.00 -22.97 -9.40
N ASP A 366 -14.42 -22.01 -8.69
CA ASP A 366 -14.65 -21.85 -7.25
C ASP A 366 -14.25 -23.07 -6.41
N VAL A 367 -13.20 -23.74 -6.87
CA VAL A 367 -12.55 -24.77 -6.10
C VAL A 367 -11.17 -24.16 -5.88
N TYR A 368 -10.76 -24.05 -4.63
CA TYR A 368 -9.55 -23.29 -4.32
C TYR A 368 -8.40 -24.12 -3.77
N SER A 369 -7.20 -23.82 -4.28
CA SER A 369 -5.98 -24.40 -3.72
C SER A 369 -5.12 -23.26 -3.20
N LEU A 370 -4.10 -23.61 -2.43
CA LEU A 370 -3.13 -22.63 -1.99
C LEU A 370 -1.78 -22.98 -2.57
N VAL A 371 -1.18 -22.04 -3.29
CA VAL A 371 0.15 -22.27 -3.85
C VAL A 371 1.20 -21.61 -2.97
N PHE A 372 2.34 -22.28 -2.83
CA PHE A 372 3.47 -21.83 -2.04
C PHE A 372 4.51 -21.43 -3.06
N VAL A 373 4.82 -20.15 -3.08
CA VAL A 373 5.62 -19.55 -4.13
C VAL A 373 6.98 -19.07 -3.65
N ARG A 374 8.01 -19.39 -4.42
CA ARG A 374 9.36 -18.91 -4.14
C ARG A 374 9.57 -17.69 -5.02
N LEU A 375 9.50 -16.50 -4.42
CA LEU A 375 9.62 -15.25 -5.15
C LEU A 375 11.08 -14.83 -5.35
N ILE A 376 11.77 -15.58 -6.20
CA ILE A 376 13.18 -15.37 -6.48
C ILE A 376 13.43 -14.15 -7.34
N GLY A 377 12.81 -14.11 -8.52
CA GLY A 377 12.99 -13.00 -9.43
C GLY A 377 12.50 -11.72 -8.80
N GLU A 378 11.41 -11.81 -8.07
CA GLU A 378 10.85 -10.64 -7.37
C GLU A 378 11.82 -10.04 -6.33
N LEU A 379 12.38 -10.90 -5.48
CA LEU A 379 13.31 -10.42 -4.46
C LEU A 379 14.51 -9.73 -5.12
N GLN A 380 14.98 -10.28 -6.23
CA GLN A 380 16.12 -9.70 -6.93
C GLN A 380 15.82 -8.27 -7.36
N LEU A 381 14.62 -8.06 -7.92
CA LEU A 381 14.22 -6.74 -8.37
C LEU A 381 14.06 -5.82 -7.17
N MET A 382 13.46 -6.33 -6.12
CA MET A 382 13.25 -5.56 -4.90
C MET A 382 14.55 -5.05 -4.32
N LYS A 383 15.56 -5.92 -4.27
CA LYS A 383 16.85 -5.50 -3.74
C LYS A 383 17.43 -4.40 -4.62
N SER A 384 17.29 -4.54 -5.93
CA SER A 384 17.83 -3.55 -6.86
C SER A 384 17.20 -2.19 -6.59
N VAL A 385 15.88 -2.20 -6.41
CA VAL A 385 15.16 -0.95 -6.19
C VAL A 385 15.50 -0.32 -4.83
N VAL A 386 15.62 -1.14 -3.79
CA VAL A 386 15.98 -0.61 -2.49
C VAL A 386 17.37 0.03 -2.54
N ARG A 387 18.28 -0.61 -3.27
CA ARG A 387 19.62 -0.03 -3.43
C ARG A 387 19.56 1.32 -4.14
N THR A 388 18.73 1.42 -5.17
CA THR A 388 18.55 2.72 -5.83
C THR A 388 18.05 3.77 -4.83
N TRP A 389 17.02 3.43 -4.06
CA TRP A 389 16.47 4.38 -3.09
C TRP A 389 17.51 4.82 -2.06
N LYS A 390 18.24 3.85 -1.51
CA LYS A 390 19.27 4.15 -0.51
C LYS A 390 20.35 5.03 -1.10
N GLU A 391 20.83 4.67 -2.29
CA GLU A 391 21.94 5.36 -2.90
C GLU A 391 21.60 6.80 -3.28
N GLU A 392 20.43 7.00 -3.87
CA GLU A 392 20.02 8.36 -4.22
C GLU A 392 19.75 9.22 -2.98
N ASP A 393 19.06 8.68 -1.99
CA ASP A 393 18.80 9.44 -0.76
C ASP A 393 20.11 9.80 -0.08
N ASN A 394 21.01 8.82 0.02
CA ASN A 394 22.28 9.07 0.69
C ASN A 394 23.11 10.10 -0.07
N HIS A 395 23.09 10.01 -1.39
CA HIS A 395 23.81 10.97 -2.22
C HIS A 395 23.30 12.39 -2.02
N LEU A 396 21.98 12.57 -2.11
CA LEU A 396 21.40 13.91 -1.92
C LEU A 396 21.67 14.46 -0.52
N ALA A 397 21.59 13.59 0.48
CA ALA A 397 21.77 14.04 1.86
C ALA A 397 23.24 14.34 2.18
N SER A 398 24.14 13.93 1.29
CA SER A 398 25.57 14.11 1.53
C SER A 398 26.12 15.34 0.84
N ILE A 399 25.28 15.99 0.05
CA ILE A 399 25.69 17.18 -0.65
C ILE A 399 25.94 18.32 0.35
N CYS A 400 27.06 19.01 0.20
CA CYS A 400 27.36 20.16 1.03
C CYS A 400 26.70 21.41 0.44
N THR A 401 25.53 21.80 0.95
CA THR A 401 24.84 22.95 0.40
C THR A 401 25.42 24.23 0.97
N PRO A 402 25.17 25.35 0.30
CA PRO A 402 25.71 26.64 0.74
C PRO A 402 25.24 27.11 2.11
N VAL A 403 26.16 27.66 2.90
CA VAL A 403 25.81 28.23 4.20
C VAL A 403 25.20 29.61 3.99
N VAL A 404 24.08 29.86 4.66
CA VAL A 404 23.36 31.12 4.56
C VAL A 404 23.79 32.03 5.70
N PRO A 405 23.89 33.33 5.43
CA PRO A 405 24.29 34.30 6.45
C PRO A 405 23.36 34.22 7.65
N ALA A 406 23.92 34.09 8.85
CA ALA A 406 23.11 33.94 10.05
C ALA A 406 23.62 34.77 11.22
N GLY A 413 30.43 23.95 8.24
CA GLY A 413 30.95 23.70 6.91
C GLY A 413 29.84 23.86 5.87
N CYS A 414 28.70 23.25 6.14
CA CYS A 414 27.62 23.21 5.17
C CYS A 414 26.32 23.79 5.68
N GLY A 415 25.42 24.07 4.74
CA GLY A 415 24.09 24.52 5.08
C GLY A 415 23.24 23.30 5.34
N ALA A 416 21.94 23.50 5.47
CA ALA A 416 20.99 22.41 5.71
C ALA A 416 21.06 21.38 4.57
N ALA A 417 20.80 20.12 4.89
CA ALA A 417 20.85 19.07 3.88
C ALA A 417 19.72 19.24 2.86
N VAL A 418 19.98 18.80 1.63
CA VAL A 418 18.95 18.76 0.60
C VAL A 418 17.87 17.87 1.17
N PRO A 419 16.64 18.38 1.20
CA PRO A 419 15.49 17.65 1.73
C PRO A 419 15.27 16.32 1.02
N THR A 420 15.25 15.22 1.77
CA THR A 420 14.96 13.91 1.19
C THR A 420 13.75 13.26 1.86
N ALA A 421 13.38 13.75 3.06
CA ALA A 421 12.21 13.21 3.74
C ALA A 421 10.98 13.60 2.93
N GLY A 422 10.19 12.62 2.53
CA GLY A 422 9.01 12.91 1.72
C GLY A 422 9.31 13.10 0.24
N LEU A 423 10.56 12.87 -0.16
CA LEU A 423 10.92 12.97 -1.59
C LEU A 423 10.37 11.73 -2.29
N VAL A 424 9.37 11.93 -3.15
CA VAL A 424 8.66 10.83 -3.80
C VAL A 424 9.16 10.46 -5.19
N GLY A 425 9.43 11.48 -5.99
CA GLY A 425 9.87 11.26 -7.37
C GLY A 425 10.85 12.31 -7.83
N PHE A 426 11.63 11.97 -8.85
CA PHE A 426 12.70 12.87 -9.30
C PHE A 426 12.96 12.60 -10.78
N LEU A 427 12.87 13.63 -11.61
CA LEU A 427 13.12 13.49 -13.05
C LEU A 427 14.38 14.29 -13.31
N SER A 428 15.40 13.63 -13.83
CA SER A 428 16.70 14.28 -13.97
C SER A 428 17.33 13.87 -15.29
N HIS A 429 18.58 13.44 -15.25
CA HIS A 429 19.29 13.20 -16.50
C HIS A 429 18.75 12.09 -17.40
N SER A 430 18.38 10.97 -16.81
CA SER A 430 17.94 9.82 -17.61
C SER A 430 16.59 10.00 -18.28
N ALA A 431 16.61 10.00 -19.60
CA ALA A 431 15.41 10.08 -20.40
C ALA A 431 15.71 9.30 -21.66
N ASN A 432 14.73 8.57 -22.17
CA ASN A 432 14.93 7.79 -23.39
C ASN A 432 13.63 7.66 -24.14
N GLY A 433 13.67 7.98 -25.43
CA GLY A 433 12.47 7.94 -26.24
C GLY A 433 11.43 8.88 -25.68
N SER A 434 10.22 8.37 -25.47
CA SER A 434 9.13 9.21 -25.01
C SER A 434 8.98 9.12 -23.50
N VAL A 435 10.06 8.76 -22.80
CA VAL A 435 10.00 8.57 -21.35
C VAL A 435 11.05 9.39 -20.60
N TRP A 436 10.62 10.07 -19.53
CA TRP A 436 11.55 10.77 -18.64
C TRP A 436 11.51 9.91 -17.38
N GLU A 437 12.64 9.31 -17.05
CA GLU A 437 12.66 8.28 -16.02
C GLU A 437 12.68 8.81 -14.59
N ASP A 438 11.83 8.22 -13.75
CA ASP A 438 11.84 8.52 -12.33
C ASP A 438 13.15 7.94 -11.79
N VAL A 439 13.95 8.79 -11.14
CA VAL A 439 15.23 8.35 -10.59
C VAL A 439 14.93 7.28 -9.53
N TYR A 440 13.77 7.40 -8.91
CA TYR A 440 13.34 6.44 -7.90
C TYR A 440 12.59 5.22 -8.44
N ARG A 441 12.48 5.13 -9.76
CA ARG A 441 12.01 3.93 -10.48
C ARG A 441 10.56 3.54 -10.28
N CYS A 442 9.72 4.49 -9.90
CA CYS A 442 8.31 4.18 -9.65
C CYS A 442 7.33 4.71 -10.71
N VAL A 443 7.38 6.00 -10.99
CA VAL A 443 6.45 6.62 -11.92
C VAL A 443 7.20 7.50 -12.91
N ASP A 444 7.34 7.03 -14.14
CA ASP A 444 7.97 7.86 -15.16
C ASP A 444 6.99 8.89 -15.72
N ALA A 445 7.55 9.90 -16.39
CA ALA A 445 6.75 10.88 -17.09
C ALA A 445 6.80 10.58 -18.58
N ASN A 446 5.70 10.86 -19.28
CA ASN A 446 5.63 10.65 -20.72
C ASN A 446 5.97 11.95 -21.42
N VAL A 447 6.76 11.87 -22.49
CA VAL A 447 7.30 13.06 -23.13
C VAL A 447 7.00 13.15 -24.62
N ALA A 448 6.95 14.38 -25.13
CA ALA A 448 6.78 14.62 -26.56
C ALA A 448 7.59 15.84 -26.95
N ASN A 449 8.07 15.83 -28.20
CA ASN A 449 8.78 16.95 -28.79
C ASN A 449 9.87 17.53 -27.88
N ALA A 450 10.75 16.63 -27.44
CA ALA A 450 11.81 16.98 -26.52
C ALA A 450 13.18 16.56 -27.01
N GLU A 451 14.18 17.26 -26.49
CA GLU A 451 15.58 17.01 -26.80
C GLU A 451 16.31 16.95 -25.47
N ARG A 452 17.22 16.00 -25.32
CA ARG A 452 17.93 15.88 -24.04
C ARG A 452 18.96 16.98 -23.81
N VAL A 453 18.99 17.48 -22.58
CA VAL A 453 20.02 18.41 -22.12
C VAL A 453 20.48 17.85 -20.78
N PRO A 454 21.61 18.30 -20.26
CA PRO A 454 22.04 17.80 -18.96
C PRO A 454 20.95 17.96 -17.90
N ASN A 455 20.59 16.84 -17.28
CA ASN A 455 19.60 16.78 -16.20
C ASN A 455 18.16 17.07 -16.57
N GLY A 456 17.85 17.09 -17.87
CA GLY A 456 16.47 17.32 -18.26
C GLY A 456 16.20 17.34 -19.74
N LEU A 457 15.22 18.16 -20.10
CA LEU A 457 14.72 18.18 -21.46
C LEU A 457 14.43 19.59 -21.94
N LYS A 458 14.67 19.82 -23.22
CA LYS A 458 14.31 21.08 -23.86
C LYS A 458 13.15 20.78 -24.79
N PHE A 459 12.10 21.58 -24.72
CA PHE A 459 10.88 21.33 -25.51
C PHE A 459 10.75 22.22 -26.72
N ASN A 460 10.40 21.63 -27.85
CA ASN A 460 10.24 22.39 -29.08
C ASN A 460 9.30 21.63 -29.98
N GLY A 461 8.10 22.17 -30.18
CA GLY A 461 7.12 21.52 -31.03
C GLY A 461 5.77 21.51 -30.34
N VAL A 462 4.72 21.27 -31.11
CA VAL A 462 3.37 21.21 -30.56
C VAL A 462 3.28 20.16 -29.48
N GLY A 463 2.85 20.54 -28.30
CA GLY A 463 2.74 19.57 -27.22
C GLY A 463 4.08 19.22 -26.60
N GLY A 464 5.10 20.01 -26.87
CA GLY A 464 6.42 19.78 -26.29
C GLY A 464 6.31 19.87 -24.77
N GLY A 465 6.65 18.79 -24.08
CA GLY A 465 6.51 18.82 -22.64
C GLY A 465 6.40 17.41 -22.11
N ALA A 466 6.13 17.30 -20.81
CA ALA A 466 6.05 16.00 -20.16
C ALA A 466 4.83 15.92 -19.25
N VAL A 467 4.24 14.72 -19.18
CA VAL A 467 3.08 14.47 -18.34
C VAL A 467 3.48 13.48 -17.26
N TRP A 468 3.39 13.90 -15.99
CA TRP A 468 3.71 13.04 -14.86
C TRP A 468 2.35 12.62 -14.29
N PRO A 469 1.91 11.41 -14.58
CA PRO A 469 0.52 11.03 -14.26
C PRO A 469 0.20 10.97 -12.78
N VAL A 470 -0.99 11.46 -12.42
CA VAL A 470 -1.52 11.37 -11.08
C VAL A 470 -2.75 10.48 -11.18
N ALA A 471 -3.94 11.05 -11.35
CA ALA A 471 -5.12 10.21 -11.58
C ALA A 471 -4.89 9.38 -12.85
N ARG A 472 -4.13 9.94 -13.79
CA ARG A 472 -3.85 9.22 -15.03
C ARG A 472 -3.07 7.91 -14.84
N GLN A 473 -2.58 7.64 -13.63
CA GLN A 473 -1.94 6.37 -13.37
C GLN A 473 -2.95 5.23 -13.51
N GLY A 474 -4.22 5.57 -13.40
CA GLY A 474 -5.30 4.60 -13.57
C GLY A 474 -5.83 3.95 -12.31
N GLN A 475 -5.80 2.63 -12.26
CA GLN A 475 -6.36 1.89 -11.12
C GLN A 475 -5.63 2.18 -9.81
N THR A 476 -4.32 2.02 -9.83
CA THR A 476 -3.49 2.23 -8.64
C THR A 476 -2.91 3.62 -8.73
N ARG A 477 -3.25 4.47 -7.76
CA ARG A 477 -2.91 5.88 -7.80
C ARG A 477 -1.84 6.23 -6.77
N ARG A 478 -0.58 6.06 -7.17
CA ARG A 478 0.53 6.22 -6.24
C ARG A 478 0.86 7.65 -5.84
N TYR A 479 0.33 8.59 -6.62
CA TYR A 479 0.52 10.01 -6.33
C TYR A 479 -0.77 10.62 -5.79
N GLN A 480 -1.64 9.76 -5.26
CA GLN A 480 -2.91 10.20 -4.67
C GLN A 480 -2.70 11.24 -3.55
N PHE A 481 -1.55 11.17 -2.87
CA PHE A 481 -1.26 12.14 -1.82
C PHE A 481 -1.33 13.59 -2.32
N ALA A 482 -1.09 13.81 -3.61
CA ALA A 482 -0.99 15.18 -4.15
C ALA A 482 -2.28 15.98 -4.01
N ASN A 483 -3.41 15.29 -3.94
CA ASN A 483 -4.70 15.93 -3.76
C ASN A 483 -4.85 16.55 -2.38
N TYR A 484 -4.03 16.08 -1.45
CA TYR A 484 -4.02 16.59 -0.08
C TYR A 484 -2.89 17.61 0.10
N ARG A 485 -1.71 17.28 -0.42
CA ARG A 485 -0.56 18.19 -0.33
C ARG A 485 0.58 17.73 -1.21
N PHE A 486 1.37 18.69 -1.69
CA PHE A 486 2.57 18.36 -2.45
C PHE A 486 3.50 19.56 -2.58
N THR A 487 4.74 19.27 -2.94
CA THR A 487 5.67 20.31 -3.35
C THR A 487 6.27 19.82 -4.65
N LEU A 488 6.21 20.65 -5.68
CA LEU A 488 6.76 20.29 -6.99
C LEU A 488 7.82 21.33 -7.31
N VAL A 489 9.04 20.88 -7.62
CA VAL A 489 10.21 21.74 -7.80
C VAL A 489 10.84 21.51 -9.17
N ALA A 490 11.34 22.58 -9.80
CA ALA A 490 12.04 22.42 -11.08
C ALA A 490 12.96 23.61 -11.37
N THR A 491 13.99 23.36 -12.18
CA THR A 491 14.85 24.42 -12.65
C THR A 491 14.45 24.65 -14.10
N VAL A 492 14.27 25.91 -14.48
CA VAL A 492 13.78 26.21 -15.82
C VAL A 492 14.52 27.34 -16.52
N THR A 493 14.46 27.32 -17.86
CA THR A 493 14.82 28.49 -18.66
C THR A 493 13.74 28.66 -19.69
N ILE A 494 13.38 29.92 -19.95
CA ILE A 494 12.45 30.20 -21.02
C ILE A 494 13.34 30.52 -22.20
N ASP A 495 13.17 29.76 -23.29
CA ASP A 495 14.06 29.87 -24.44
C ASP A 495 13.58 30.82 -25.53
N GLU A 496 12.27 30.94 -25.69
CA GLU A 496 11.71 31.85 -26.68
C GLU A 496 10.44 32.48 -26.13
N LEU A 497 10.19 33.74 -26.47
CA LEU A 497 8.98 34.41 -26.01
C LEU A 497 7.74 33.74 -26.59
N PRO A 498 6.68 33.64 -25.80
CA PRO A 498 5.42 33.08 -26.28
C PRO A 498 4.63 34.15 -27.01
N LYS A 499 3.62 33.76 -27.77
CA LYS A 499 2.78 34.73 -28.46
C LYS A 499 1.93 35.51 -27.46
N GLY A 500 1.36 34.79 -26.50
CA GLY A 500 0.53 35.38 -25.47
C GLY A 500 0.99 34.84 -24.12
N THR A 501 0.33 33.78 -23.66
CA THR A 501 0.72 33.11 -22.42
C THR A 501 1.02 31.64 -22.76
N SER A 502 1.90 31.00 -22.02
CA SER A 502 2.18 29.60 -22.27
C SER A 502 2.52 28.92 -20.94
N PRO A 503 2.14 27.65 -20.80
CA PRO A 503 2.38 26.90 -19.55
C PRO A 503 3.85 26.49 -19.33
N LEU A 504 4.22 26.38 -18.06
CA LEU A 504 5.57 25.97 -17.69
C LEU A 504 5.57 24.79 -16.70
N LEU A 505 4.75 24.88 -15.65
CA LEU A 505 4.76 23.83 -14.63
C LEU A 505 3.46 23.89 -13.84
N GLY A 506 2.87 22.74 -13.51
CA GLY A 506 1.64 22.78 -12.76
C GLY A 506 0.93 21.46 -12.55
N ALA A 507 -0.20 21.53 -11.86
CA ALA A 507 -1.03 20.36 -11.58
C ALA A 507 -2.36 20.56 -12.30
N GLY A 508 -2.67 19.66 -13.22
CA GLY A 508 -3.92 19.74 -13.97
C GLY A 508 -4.99 18.96 -13.24
N LEU A 509 -6.25 19.33 -13.46
CA LEU A 509 -7.35 18.61 -12.81
C LEU A 509 -8.19 17.79 -13.80
N GLU A 510 -8.74 16.69 -13.32
CA GLU A 510 -9.66 15.87 -14.10
C GLU A 510 -10.96 16.65 -14.30
N GLY A 511 -11.72 16.31 -15.33
CA GLY A 511 -13.00 16.97 -15.54
C GLY A 511 -13.04 17.90 -16.72
N PRO A 512 -14.23 18.44 -16.98
CA PRO A 512 -14.46 19.33 -18.11
C PRO A 512 -13.57 20.56 -18.11
N GLY A 513 -13.24 21.02 -19.31
CA GLY A 513 -12.40 22.19 -19.46
C GLY A 513 -10.95 21.79 -19.46
N ASP A 514 -10.13 22.68 -18.92
CA ASP A 514 -8.70 22.49 -18.88
C ASP A 514 -8.30 23.21 -17.61
N ALA A 515 -8.90 22.77 -16.52
CA ALA A 515 -8.72 23.39 -15.22
C ALA A 515 -7.40 22.98 -14.59
N LYS A 516 -6.81 23.91 -13.86
CA LYS A 516 -5.57 23.66 -13.14
C LYS A 516 -5.79 23.97 -11.68
N LEU A 517 -5.12 23.21 -10.82
CA LEU A 517 -5.21 23.43 -9.40
C LEU A 517 -4.21 24.50 -8.96
N LEU A 518 -2.99 24.40 -9.48
CA LEU A 518 -1.92 25.29 -9.12
C LEU A 518 -0.88 25.19 -10.20
N GLY A 519 -0.33 26.31 -10.64
CA GLY A 519 0.62 26.25 -11.74
C GLY A 519 1.32 27.56 -12.00
N LEU A 520 2.23 27.53 -12.97
CA LEU A 520 2.95 28.74 -13.36
C LEU A 520 3.04 28.78 -14.86
N SER A 521 2.61 29.90 -15.43
CA SER A 521 2.74 30.17 -16.85
C SER A 521 3.60 31.43 -17.00
N TYR A 522 3.92 31.79 -18.23
CA TYR A 522 4.74 32.98 -18.51
C TYR A 522 4.16 33.68 -19.73
N ASP A 523 4.43 34.96 -19.90
CA ASP A 523 3.81 35.69 -21.02
C ASP A 523 4.75 36.53 -21.90
N LYS A 524 4.18 37.10 -22.96
CA LYS A 524 4.93 37.84 -23.98
C LYS A 524 5.55 39.14 -23.45
N ASN A 525 5.09 39.58 -22.28
CA ASN A 525 5.61 40.79 -21.65
C ASN A 525 6.70 40.46 -20.64
N ARG A 526 7.15 39.21 -20.66
CA ARG A 526 8.17 38.71 -19.75
C ARG A 526 7.75 38.82 -18.28
N GLN A 527 6.48 38.52 -18.04
CA GLN A 527 5.95 38.47 -16.68
C GLN A 527 5.55 37.05 -16.33
N TRP A 528 5.51 36.76 -15.04
CA TRP A 528 5.02 35.47 -14.57
C TRP A 528 3.50 35.49 -14.48
N ARG A 529 2.90 34.33 -14.71
CA ARG A 529 1.47 34.17 -14.60
C ARG A 529 1.17 32.97 -13.73
N PRO A 530 1.19 33.16 -12.41
CA PRO A 530 0.90 32.06 -11.50
C PRO A 530 -0.59 31.75 -11.61
N LEU A 531 -0.94 30.47 -11.45
CA LEU A 531 -2.33 30.03 -11.53
C LEU A 531 -2.69 29.48 -10.17
N TYR A 532 -3.70 30.07 -9.55
CA TYR A 532 -4.10 29.64 -8.22
C TYR A 532 -5.52 29.13 -8.20
N GLY A 533 -5.76 27.98 -8.82
CA GLY A 533 -7.10 27.43 -8.87
C GLY A 533 -7.91 28.15 -9.94
N ALA A 534 -9.19 28.37 -9.70
CA ALA A 534 -10.05 28.98 -10.71
C ALA A 534 -9.80 30.47 -10.98
N ALA A 535 -9.10 31.13 -10.08
CA ALA A 535 -8.83 32.57 -10.18
C ALA A 535 -8.11 32.99 -11.47
N PRO A 536 -8.47 34.16 -11.99
CA PRO A 536 -7.83 34.72 -13.20
C PRO A 536 -6.32 34.83 -13.04
N ALA A 537 -5.57 34.35 -14.03
CA ALA A 537 -4.11 34.36 -13.98
C ALA A 537 -3.48 35.74 -14.23
N SER A 538 -3.49 36.59 -13.21
CA SER A 538 -2.95 37.95 -13.27
C SER A 538 -1.42 38.01 -13.30
N PRO A 539 -0.85 38.76 -14.24
CA PRO A 539 0.61 38.82 -14.39
C PRO A 539 1.36 39.52 -13.27
N THR A 540 2.57 39.06 -13.00
CA THR A 540 3.37 39.63 -11.95
C THR A 540 4.87 39.48 -12.20
N GLY A 541 5.64 40.42 -11.65
CA GLY A 541 7.09 40.33 -11.74
C GLY A 541 7.69 40.44 -13.12
N SER A 542 8.92 39.94 -13.26
CA SER A 542 9.66 40.10 -14.49
C SER A 542 10.73 39.03 -14.60
N TRP A 543 10.88 38.46 -15.80
CA TRP A 543 11.94 37.47 -16.02
C TRP A 543 12.69 37.77 -17.31
N GLU A 544 13.83 37.12 -17.47
CA GLU A 544 14.67 37.31 -18.65
C GLU A 544 14.83 36.02 -19.43
N LEU A 545 14.80 36.13 -20.74
CA LEU A 545 15.02 34.99 -21.61
C LEU A 545 16.38 34.38 -21.35
N HIS A 546 16.42 33.05 -21.38
CA HIS A 546 17.64 32.26 -21.22
C HIS A 546 18.21 32.20 -19.82
N LYS A 547 17.61 32.91 -18.87
CA LYS A 547 18.11 32.89 -17.50
C LYS A 547 17.53 31.69 -16.72
N LYS A 548 18.36 31.05 -15.91
CA LYS A 548 17.91 29.91 -15.10
C LYS A 548 17.09 30.41 -13.91
N TYR A 549 15.88 29.87 -13.75
CA TYR A 549 15.02 30.19 -12.60
C TYR A 549 14.67 28.92 -11.82
N HIS A 550 14.59 29.05 -10.49
CA HIS A 550 14.18 27.94 -9.63
C HIS A 550 12.69 28.12 -9.37
N VAL A 551 11.90 27.10 -9.66
CA VAL A 551 10.45 27.18 -9.45
C VAL A 551 9.96 26.15 -8.43
N VAL A 552 9.14 26.60 -7.48
CA VAL A 552 8.56 25.68 -6.52
C VAL A 552 7.07 25.94 -6.38
N LEU A 553 6.28 24.87 -6.49
CA LEU A 553 4.85 24.96 -6.27
C LEU A 553 4.54 24.22 -4.98
N THR A 554 3.85 24.86 -4.04
CA THR A 554 3.45 24.16 -2.80
C THR A 554 1.94 24.22 -2.64
N MET A 555 1.35 23.11 -2.25
CA MET A 555 -0.08 23.04 -2.03
C MET A 555 -0.30 22.29 -0.72
N ALA A 556 -1.01 22.93 0.21
CA ALA A 556 -1.41 22.26 1.45
C ALA A 556 -2.52 23.10 2.08
N ASP A 557 -3.35 22.45 2.89
CA ASP A 557 -4.47 23.14 3.53
C ASP A 557 -5.33 23.86 2.51
N ARG A 558 -5.50 23.25 1.34
CA ARG A 558 -6.30 23.82 0.28
C ARG A 558 -5.76 25.15 -0.24
N GLN A 559 -4.52 25.47 0.10
CA GLN A 559 -3.89 26.74 -0.31
C GLN A 559 -2.72 26.46 -1.26
N GLY A 560 -2.33 27.44 -2.06
CA GLY A 560 -1.22 27.24 -2.99
C GLY A 560 -0.29 28.42 -3.07
N SER A 561 0.99 28.14 -3.23
CA SER A 561 1.97 29.18 -3.41
C SER A 561 2.89 28.83 -4.56
N VAL A 562 3.44 29.87 -5.20
CA VAL A 562 4.43 29.68 -6.24
C VAL A 562 5.66 30.51 -5.88
N TYR A 563 6.81 29.85 -5.81
CA TYR A 563 8.07 30.54 -5.53
C TYR A 563 8.96 30.60 -6.76
N VAL A 564 9.56 31.76 -7.00
CA VAL A 564 10.56 31.85 -8.05
C VAL A 564 11.85 32.28 -7.36
N ASP A 565 12.93 31.53 -7.56
CA ASP A 565 14.21 31.80 -6.90
C ASP A 565 14.06 31.96 -5.39
N GLY A 566 13.28 31.05 -4.80
CA GLY A 566 13.10 31.02 -3.37
C GLY A 566 12.17 32.05 -2.75
N GLN A 567 11.54 32.89 -3.58
CA GLN A 567 10.63 33.92 -3.09
C GLN A 567 9.22 33.76 -3.65
N PRO A 568 8.21 33.89 -2.80
CA PRO A 568 6.81 33.70 -3.23
C PRO A 568 6.33 34.79 -4.17
N LEU A 569 5.64 34.38 -5.23
CA LEU A 569 5.06 35.35 -6.13
C LEU A 569 3.76 35.91 -5.53
N ALA A 570 3.42 37.12 -5.96
CA ALA A 570 2.17 37.74 -5.56
C ALA A 570 1.01 36.77 -5.76
N GLY A 571 0.11 36.72 -4.77
CA GLY A 571 -1.05 35.85 -4.84
C GLY A 571 -0.87 34.54 -4.09
N SER A 572 0.36 34.27 -3.66
CA SER A 572 0.65 33.04 -2.93
C SER A 572 -0.09 32.98 -1.59
N GLY A 573 -0.56 31.80 -1.24
CA GLY A 573 -1.32 31.61 -0.01
C GLY A 573 -2.81 31.61 -0.28
N ASN A 574 -3.20 31.91 -1.52
CA ASN A 574 -4.61 31.92 -1.88
C ASN A 574 -5.20 30.52 -1.85
N THR A 575 -6.48 30.42 -1.52
CA THR A 575 -7.19 29.15 -1.50
C THR A 575 -7.32 28.66 -2.94
N VAL A 576 -6.89 27.44 -3.20
CA VAL A 576 -6.94 26.93 -4.57
C VAL A 576 -8.02 25.88 -4.80
N VAL A 577 -8.56 25.31 -3.73
CA VAL A 577 -9.68 24.37 -3.86
C VAL A 577 -10.78 24.69 -2.86
N ARG A 578 -12.02 24.73 -3.35
CA ARG A 578 -13.16 25.01 -2.49
C ARG A 578 -13.91 23.74 -2.15
N GLY A 579 -14.37 23.65 -0.90
CA GLY A 579 -15.12 22.50 -0.45
C GLY A 579 -14.30 21.53 0.37
N ALA A 580 -14.97 20.50 0.89
CA ALA A 580 -14.33 19.49 1.72
C ALA A 580 -13.95 18.24 0.91
N THR A 581 -14.31 18.25 -0.37
CA THR A 581 -14.01 17.14 -1.26
C THR A 581 -12.60 17.30 -1.81
N LEU A 582 -11.81 16.23 -1.76
CA LEU A 582 -10.45 16.26 -2.30
C LEU A 582 -10.52 16.56 -3.79
N PRO A 583 -9.61 17.38 -4.29
CA PRO A 583 -9.55 17.61 -5.73
C PRO A 583 -9.11 16.29 -6.36
N ASP A 584 -9.13 16.23 -7.69
CA ASP A 584 -8.75 15.04 -8.41
C ASP A 584 -7.75 15.47 -9.47
N ILE A 585 -6.48 15.58 -9.08
CA ILE A 585 -5.42 15.98 -10.00
C ILE A 585 -5.20 14.91 -11.06
N SER A 586 -5.22 15.30 -12.32
CA SER A 586 -5.00 14.37 -13.42
C SER A 586 -3.53 14.04 -13.60
N HIS A 587 -2.69 15.08 -13.53
CA HIS A 587 -1.27 14.93 -13.79
C HIS A 587 -0.56 16.21 -13.44
N PHE A 588 0.76 16.11 -13.29
CA PHE A 588 1.60 17.30 -13.27
C PHE A 588 2.08 17.48 -14.70
N TYR A 589 2.08 18.72 -15.17
CA TYR A 589 2.61 19.02 -16.50
C TYR A 589 3.88 19.82 -16.36
N ILE A 590 4.80 19.55 -17.27
CA ILE A 590 6.11 20.20 -17.30
C ILE A 590 6.22 20.67 -18.73
N GLY A 591 6.39 21.97 -18.94
CA GLY A 591 6.33 22.51 -20.28
C GLY A 591 4.86 22.62 -20.68
N GLY A 592 4.56 22.37 -21.95
CA GLY A 592 3.19 22.48 -22.42
C GLY A 592 2.68 21.25 -23.17
N PRO A 593 2.63 20.11 -22.50
CA PRO A 593 2.15 18.88 -23.17
C PRO A 593 0.66 18.96 -23.48
N ARG A 594 0.26 18.33 -24.57
CA ARG A 594 -1.16 18.23 -24.93
C ARG A 594 -1.28 17.28 -26.10
N SER A 595 -2.40 16.58 -26.18
CA SER A 595 -2.61 15.67 -27.30
C SER A 595 -3.85 16.15 -28.05
N LYS A 596 -4.41 17.26 -27.58
CA LYS A 596 -5.62 17.84 -28.14
C LYS A 596 -5.73 19.28 -27.66
N GLY A 597 -6.77 19.99 -28.12
CA GLY A 597 -6.95 21.36 -27.72
C GLY A 597 -5.99 22.29 -28.46
N ALA A 598 -5.69 23.44 -27.84
CA ALA A 598 -4.79 24.43 -28.44
C ALA A 598 -3.42 23.82 -28.74
N PRO A 599 -2.77 24.26 -29.82
CA PRO A 599 -1.47 23.72 -30.20
C PRO A 599 -0.35 24.38 -29.42
N THR A 600 -0.41 24.22 -28.10
CA THR A 600 0.59 24.78 -27.22
C THR A 600 2.00 24.39 -27.64
N ASP A 601 2.93 25.33 -27.58
CA ASP A 601 4.33 25.06 -27.92
C ASP A 601 5.18 25.94 -27.01
N SER A 602 5.37 25.48 -25.77
CA SER A 602 6.16 26.19 -24.77
C SER A 602 7.65 25.92 -25.01
N ARG A 603 8.38 26.97 -25.36
CA ARG A 603 9.80 26.84 -25.69
C ARG A 603 10.58 27.11 -24.42
N VAL A 604 10.71 26.04 -23.64
CA VAL A 604 11.37 26.08 -22.35
C VAL A 604 12.20 24.83 -22.17
N THR A 605 13.13 24.90 -21.21
CA THR A 605 14.00 23.79 -20.88
C THR A 605 13.84 23.57 -19.39
N VAL A 606 13.54 22.34 -18.99
CA VAL A 606 13.28 22.04 -17.58
C VAL A 606 14.19 20.92 -17.12
N THR A 607 14.82 21.10 -15.96
CA THR A 607 15.72 20.09 -15.43
C THR A 607 15.41 19.86 -13.96
N ASN A 608 15.77 18.67 -13.47
CA ASN A 608 15.66 18.34 -12.05
C ASN A 608 14.31 18.65 -11.43
N VAL A 609 13.29 17.92 -11.88
CA VAL A 609 11.94 18.07 -11.35
C VAL A 609 11.80 17.16 -10.14
N VAL A 610 11.47 17.72 -8.98
CA VAL A 610 11.39 16.94 -7.76
C VAL A 610 9.98 17.02 -7.18
N LEU A 611 9.47 15.91 -6.67
CA LEU A 611 8.11 15.86 -6.14
C LEU A 611 8.18 15.34 -4.70
N TYR A 612 7.56 16.07 -3.78
CA TYR A 612 7.48 15.74 -2.35
C TYR A 612 6.02 15.55 -1.93
N ASN A 613 5.78 14.65 -0.97
CA ASN A 613 4.42 14.42 -0.49
C ASN A 613 4.09 15.26 0.75
N ARG A 614 4.73 16.42 0.85
CA ARG A 614 4.45 17.33 1.94
C ARG A 614 4.77 18.74 1.48
N ARG A 615 4.38 19.71 2.30
CA ARG A 615 4.60 21.11 2.00
C ARG A 615 5.95 21.50 2.59
N LEU A 616 6.95 21.68 1.73
CA LEU A 616 8.30 22.01 2.21
C LEU A 616 8.28 23.38 2.89
N ASN A 617 9.01 23.52 3.98
CA ASN A 617 9.05 24.83 4.66
C ASN A 617 9.97 25.81 3.90
N SER A 618 9.91 27.09 4.27
CA SER A 618 10.68 28.10 3.55
C SER A 618 12.19 27.85 3.61
N SER A 619 12.67 27.29 4.71
CA SER A 619 14.09 26.94 4.83
C SER A 619 14.47 25.83 3.85
N GLU A 620 13.59 24.83 3.72
CA GLU A 620 13.83 23.75 2.78
C GLU A 620 13.81 24.24 1.34
N ILE A 621 12.88 25.15 1.04
CA ILE A 621 12.81 25.74 -0.28
C ILE A 621 14.10 26.51 -0.59
N ARG A 622 14.57 27.26 0.39
CA ARG A 622 15.80 28.02 0.22
C ARG A 622 16.97 27.08 -0.06
N THR A 623 17.03 25.98 0.68
CA THR A 623 18.08 25.00 0.48
C THR A 623 18.06 24.45 -0.95
N LEU A 624 16.88 24.09 -1.44
CA LEU A 624 16.78 23.59 -2.80
C LEU A 624 17.19 24.67 -3.81
N PHE A 625 16.77 25.89 -3.59
CA PHE A 625 17.14 26.97 -4.50
C PHE A 625 18.67 27.10 -4.54
N LEU A 626 19.29 27.12 -3.37
CA LEU A 626 20.74 27.28 -3.31
C LEU A 626 21.56 26.11 -3.81
N SER A 627 20.97 24.92 -3.86
CA SER A 627 21.70 23.72 -4.24
C SER A 627 21.28 23.16 -5.59
N GLN A 628 20.53 23.94 -6.36
CA GLN A 628 19.98 23.41 -7.61
C GLN A 628 21.04 22.94 -8.61
N ASP A 629 22.26 23.48 -8.54
CA ASP A 629 23.27 23.04 -9.49
C ASP A 629 24.04 21.82 -8.99
N MET A 630 23.65 21.29 -7.83
CA MET A 630 24.36 20.17 -7.22
C MET A 630 23.60 18.84 -7.22
N ILE A 631 22.30 18.88 -7.51
CA ILE A 631 21.46 17.69 -7.32
C ILE A 631 21.25 16.76 -8.51
N GLY A 632 21.65 17.18 -9.70
CA GLY A 632 21.41 16.38 -10.89
C GLY A 632 22.08 15.02 -10.96
N THR A 633 21.53 14.12 -11.75
CA THR A 633 22.13 12.79 -11.87
C THR A 633 23.21 12.72 -12.96
N ASP A 634 23.38 13.82 -13.71
CA ASP A 634 24.50 13.98 -14.66
C ASP A 634 24.22 14.50 -16.07
S SO4 B . -14.65 -13.65 0.42
O1 SO4 B . -14.06 -14.05 1.70
O2 SO4 B . -13.97 -14.35 -0.68
O3 SO4 B . -16.07 -14.05 0.44
O4 SO4 B . -14.55 -12.20 0.23
#